data_3FUP
#
_entry.id   3FUP
#
_cell.length_a   110.491
_cell.length_b   110.491
_cell.length_c   70.317
_cell.angle_alpha   90.00
_cell.angle_beta   90.00
_cell.angle_gamma   90.00
#
_symmetry.space_group_name_H-M   'P 41'
#
loop_
_entity.id
_entity.type
_entity.pdbx_description
1 polymer 'Tyrosine-protein kinase JAK2'
2 non-polymer 3-{(3R,4R)-4-methyl-3-[methyl(7H-pyrrolo[2,3-d]pyrimidin-4-yl)amino]piperidin-1-yl}-3-oxopropanenitrile
3 water water
#
_entity_poly.entity_id   1
_entity_poly.type   'polypeptide(L)'
_entity_poly.pdbx_seq_one_letter_code
;DPTQFEERHLKFLQQLGKGNFGSVEMCRYDPLQDNTGEVVAVKKLQHSTEEHLRDFEREIEILKSLQHDNIVKYKGVCYS
AGRRNLKLIMEYLPYGSLRDYLQKHKERIDHIKLLQYTSQICKGMEYLGTKRYIHRDLATRNILVENENRVKIGDFGLTK
VLPQDKE(PTR)(PTR)KVKEPGESPIFWYAPESLTESKFSVASDVWSFGVVLYELFTYIEKSKSPPAEFMRMIGNDKQG
QMIVFHLIELLKNNGRLPRPDGCPDEIYMIMTECWNNNVNQRPSFRDLALRVDQIRDQMAG
;
_entity_poly.pdbx_strand_id   A,B
#
loop_
_chem_comp.id
_chem_comp.type
_chem_comp.name
_chem_comp.formula
MI1 non-polymer 3-{(3R,4R)-4-methyl-3-[methyl(7H-pyrrolo[2,3-d]pyrimidin-4-yl)amino]piperidin-1-yl}-3-oxopropanenitrile 'C16 H20 N6 O'
#
# COMPACT_ATOMS: atom_id res chain seq x y z
N GLN A 4 -38.34 27.70 -4.90
CA GLN A 4 -37.07 26.88 -4.80
C GLN A 4 -36.98 26.21 -3.43
N PHE A 5 -36.08 26.70 -2.57
CA PHE A 5 -35.94 26.16 -1.22
C PHE A 5 -36.33 27.16 -0.16
N GLU A 6 -37.29 26.76 0.67
CA GLU A 6 -37.77 27.63 1.74
C GLU A 6 -37.15 27.26 3.08
N GLU A 7 -36.72 28.30 3.78
CA GLU A 7 -36.07 28.26 5.08
C GLU A 7 -36.90 27.52 6.14
N ARG A 8 -38.20 27.79 6.22
CA ARG A 8 -39.10 27.11 7.16
C ARG A 8 -39.25 25.59 6.93
N HIS A 9 -38.86 25.12 5.76
CA HIS A 9 -39.07 23.74 5.37
C HIS A 9 -37.77 22.94 5.48
N LEU A 10 -36.77 23.56 6.12
CA LEU A 10 -35.42 23.01 6.15
C LEU A 10 -34.99 22.71 7.58
N LYS A 11 -34.80 21.43 7.87
CA LYS A 11 -34.57 20.99 9.24
C LYS A 11 -33.12 20.60 9.46
N PHE A 12 -32.50 21.15 10.50
CA PHE A 12 -31.12 20.88 10.79
C PHE A 12 -30.92 19.49 11.34
N LEU A 13 -29.92 18.77 10.82
CA LEU A 13 -29.64 17.40 11.29
C LEU A 13 -28.28 17.37 11.96
N GLN A 14 -27.29 17.91 11.25
CA GLN A 14 -25.97 18.06 11.83
C GLN A 14 -25.01 18.87 11.01
N GLN A 15 -23.92 19.21 11.68
CA GLN A 15 -22.76 19.87 11.09
C GLN A 15 -22.01 18.88 10.23
N LEU A 16 -21.72 19.28 9.00
CA LEU A 16 -20.93 18.44 8.10
C LEU A 16 -19.49 18.90 7.90
N GLY A 17 -19.24 20.18 8.12
CA GLY A 17 -17.95 20.74 7.86
C GLY A 17 -17.88 22.24 8.06
N LYS A 18 -16.66 22.76 8.07
CA LYS A 18 -16.42 24.17 7.80
C LYS A 18 -15.16 24.33 6.94
N GLY A 19 -15.13 25.40 6.16
CA GLY A 19 -14.08 25.59 5.17
C GLY A 19 -13.92 27.04 4.77
N ASN A 20 -12.80 27.64 5.17
CA ASN A 20 -12.54 29.05 4.89
C ASN A 20 -13.49 29.97 5.64
N PHE A 21 -14.54 30.42 4.96
CA PHE A 21 -15.57 31.23 5.58
C PHE A 21 -16.96 30.66 5.31
N GLY A 22 -17.04 29.34 5.19
CA GLY A 22 -18.32 28.66 5.07
C GLY A 22 -18.49 27.56 6.09
N SER A 23 -19.75 27.21 6.36
CA SER A 23 -20.06 25.97 7.06
C SER A 23 -21.01 25.10 6.23
N VAL A 24 -21.00 23.80 6.50
CA VAL A 24 -21.88 22.87 5.80
C VAL A 24 -22.74 22.07 6.78
N GLU A 25 -24.05 22.08 6.55
CA GLU A 25 -24.99 21.37 7.42
C GLU A 25 -25.79 20.32 6.67
N MET A 26 -26.13 19.25 7.38
CA MET A 26 -27.03 18.25 6.88
C MET A 26 -28.42 18.60 7.38
N CYS A 27 -29.28 18.89 6.44
CA CYS A 27 -30.65 19.25 6.69
C CYS A 27 -31.55 18.37 5.87
N ARG A 28 -32.78 18.18 6.37
CA ARG A 28 -33.83 17.63 5.56
C ARG A 28 -34.75 18.71 4.95
N TYR A 29 -34.93 18.68 3.63
CA TYR A 29 -35.90 19.57 3.02
C TYR A 29 -37.20 18.85 3.13
N ASP A 30 -38.16 19.43 3.84
CA ASP A 30 -39.43 18.75 4.10
C ASP A 30 -40.66 19.66 3.93
N PRO A 31 -40.88 20.12 2.69
CA PRO A 31 -41.97 21.07 2.45
C PRO A 31 -43.31 20.52 2.83
N LEU A 32 -43.47 19.19 2.82
CA LEU A 32 -44.80 18.64 3.14
C LEU A 32 -44.92 18.43 4.64
N GLN A 33 -43.79 18.60 5.33
CA GLN A 33 -43.71 18.54 6.80
C GLN A 33 -44.26 17.23 7.34
N ASP A 34 -43.89 16.14 6.68
CA ASP A 34 -44.49 14.83 6.92
C ASP A 34 -43.34 13.84 7.05
N ASN A 35 -42.13 14.39 7.21
CA ASN A 35 -40.91 13.58 7.21
C ASN A 35 -40.85 12.64 6.01
N THR A 36 -41.10 13.19 4.83
CA THR A 36 -40.83 12.48 3.58
C THR A 36 -39.92 13.29 2.67
N GLY A 37 -39.38 14.38 3.20
CA GLY A 37 -38.50 15.24 2.43
C GLY A 37 -37.12 14.65 2.25
N GLU A 38 -36.28 15.33 1.49
CA GLU A 38 -35.02 14.75 1.02
C GLU A 38 -33.82 15.40 1.71
N VAL A 39 -32.84 14.58 2.07
CA VAL A 39 -31.68 15.06 2.81
C VAL A 39 -30.70 15.77 1.90
N VAL A 40 -30.40 17.03 2.21
CA VAL A 40 -29.49 17.82 1.40
C VAL A 40 -28.36 18.39 2.26
N ALA A 41 -27.34 18.95 1.60
CA ALA A 41 -26.32 19.71 2.29
C ALA A 41 -26.52 21.19 1.99
N VAL A 42 -26.38 22.00 3.03
CA VAL A 42 -26.58 23.43 2.96
C VAL A 42 -25.32 24.13 3.42
N LYS A 43 -24.77 24.96 2.55
CA LYS A 43 -23.60 25.73 2.89
C LYS A 43 -24.09 27.16 3.16
N LYS A 44 -23.64 27.70 4.28
CA LYS A 44 -23.88 29.08 4.66
C LYS A 44 -22.54 29.77 4.94
N LEU A 45 -22.52 31.10 4.84
CA LEU A 45 -21.41 31.83 5.47
C LEU A 45 -21.44 31.71 7.00
N GLN A 46 -20.30 31.27 7.56
CA GLN A 46 -20.11 31.11 9.02
C GLN A 46 -20.19 32.46 9.78
N HIS A 47 -19.78 33.53 9.11
CA HIS A 47 -19.99 34.90 9.58
C HIS A 47 -20.17 35.76 8.36
N SER A 48 -21.38 36.25 8.15
CA SER A 48 -21.71 37.08 6.97
C SER A 48 -21.01 38.47 6.87
N THR A 49 -20.43 38.77 5.69
CA THR A 49 -19.79 40.04 5.33
C THR A 49 -20.36 40.47 3.98
N GLU A 50 -20.12 41.72 3.58
CA GLU A 50 -20.50 42.12 2.24
C GLU A 50 -19.49 41.57 1.24
N GLU A 51 -18.21 41.65 1.59
CA GLU A 51 -17.14 41.14 0.72
C GLU A 51 -17.32 39.62 0.60
N HIS A 52 -17.54 38.95 1.72
CA HIS A 52 -17.49 37.50 1.79
C HIS A 52 -18.68 36.91 1.03
N LEU A 53 -19.64 37.77 0.70
CA LEU A 53 -20.94 37.33 0.22
C LEU A 53 -21.10 37.66 -1.25
N ARG A 54 -20.62 38.85 -1.64
CA ARG A 54 -20.09 39.05 -2.99
C ARG A 54 -19.36 37.81 -3.49
N ASP A 55 -18.50 37.24 -2.65
CA ASP A 55 -17.70 36.08 -3.03
C ASP A 55 -18.54 34.81 -3.01
N PHE A 56 -19.39 34.68 -2.02
CA PHE A 56 -20.35 33.58 -1.96
C PHE A 56 -21.23 33.49 -3.18
N GLU A 57 -21.82 34.61 -3.59
CA GLU A 57 -22.73 34.59 -4.74
C GLU A 57 -22.02 34.11 -5.99
N ARG A 58 -20.72 34.40 -6.10
CA ARG A 58 -19.89 33.91 -7.21
C ARG A 58 -19.61 32.41 -7.16
N GLU A 59 -19.28 31.93 -5.98
CA GLU A 59 -19.05 30.56 -5.77
C GLU A 59 -20.27 29.80 -6.18
N ILE A 60 -21.42 30.36 -5.83
CA ILE A 60 -22.68 29.75 -6.19
C ILE A 60 -22.88 29.69 -7.68
N GLU A 61 -22.54 30.78 -8.40
CA GLU A 61 -22.67 30.81 -9.88
C GLU A 61 -21.70 29.82 -10.49
N ILE A 62 -20.53 29.73 -9.88
CA ILE A 62 -19.49 28.78 -10.31
C ILE A 62 -20.10 27.39 -10.23
N LEU A 63 -20.67 26.98 -9.08
CA LEU A 63 -21.12 25.60 -8.94
C LEU A 63 -22.31 25.31 -9.82
N LYS A 64 -23.26 26.22 -9.83
CA LYS A 64 -24.42 26.15 -10.72
C LYS A 64 -24.01 25.92 -12.17
N SER A 65 -22.81 26.39 -12.55
CA SER A 65 -22.32 26.28 -13.95
C SER A 65 -21.61 24.98 -14.28
N LEU A 66 -21.38 24.19 -13.24
CA LEU A 66 -20.72 22.93 -13.35
C LEU A 66 -21.72 21.75 -13.43
N GLN A 67 -21.62 20.95 -14.49
CA GLN A 67 -22.45 19.73 -14.55
C GLN A 67 -21.59 18.56 -14.99
N HIS A 68 -21.12 17.80 -13.99
CA HIS A 68 -20.13 16.75 -14.23
C HIS A 68 -20.26 15.63 -13.20
N ASP A 69 -20.00 14.42 -13.63
CA ASP A 69 -20.17 13.25 -12.73
C ASP A 69 -19.31 13.35 -11.46
N ASN A 70 -18.19 14.05 -11.58
CA ASN A 70 -17.25 14.18 -10.47
C ASN A 70 -17.25 15.59 -9.87
N ILE A 71 -18.39 16.26 -9.97
CA ILE A 71 -18.58 17.55 -9.30
C ILE A 71 -19.89 17.58 -8.51
N VAL A 72 -19.77 17.84 -7.21
CA VAL A 72 -20.95 17.91 -6.35
C VAL A 72 -22.03 18.80 -6.96
N LYS A 73 -23.28 18.59 -6.53
CA LYS A 73 -24.44 18.88 -7.37
C LYS A 73 -25.28 19.99 -6.74
N TYR A 74 -25.10 21.21 -7.23
CA TYR A 74 -26.01 22.31 -6.92
C TYR A 74 -27.47 21.86 -7.05
N LYS A 75 -28.25 22.07 -6.00
CA LYS A 75 -29.68 21.82 -6.04
C LYS A 75 -30.46 23.13 -6.15
N GLY A 76 -29.94 24.18 -5.55
CA GLY A 76 -30.60 25.47 -5.52
C GLY A 76 -30.07 26.39 -4.44
N VAL A 77 -30.81 27.45 -4.14
CA VAL A 77 -30.41 28.41 -3.13
C VAL A 77 -31.55 28.70 -2.17
N CYS A 78 -31.21 29.34 -1.04
CA CYS A 78 -32.22 29.76 -0.07
C CYS A 78 -31.83 31.09 0.57
N TYR A 79 -32.65 32.11 0.32
CA TYR A 79 -32.67 33.30 1.18
C TYR A 79 -33.71 33.15 2.29
N SER A 80 -33.32 33.52 3.50
CA SER A 80 -33.38 34.92 3.92
C SER A 80 -32.47 35.79 3.06
N ASN A 85 -28.20 35.70 5.48
CA ASN A 85 -29.40 35.35 4.73
C ASN A 85 -29.12 34.29 3.68
N LEU A 86 -28.20 34.24 2.76
CA LEU A 86 -28.02 33.40 1.58
C LEU A 86 -27.43 32.01 1.87
N LYS A 87 -28.10 31.00 1.36
CA LYS A 87 -27.71 29.61 1.60
C LYS A 87 -27.63 28.83 0.29
N LEU A 88 -26.64 27.95 0.21
CA LEU A 88 -26.44 27.13 -0.97
C LEU A 88 -26.84 25.68 -0.71
N ILE A 89 -27.81 25.20 -1.48
CA ILE A 89 -28.28 23.82 -1.34
C ILE A 89 -27.59 22.91 -2.35
N MET A 90 -26.89 21.89 -1.84
CA MET A 90 -26.33 20.85 -2.69
C MET A 90 -26.95 19.50 -2.39
N GLU A 91 -26.75 18.54 -3.29
CA GLU A 91 -26.95 17.14 -2.98
C GLU A 91 -26.12 16.72 -1.76
N TYR A 92 -26.71 15.86 -0.93
CA TYR A 92 -25.97 15.26 0.17
C TYR A 92 -25.30 13.96 -0.20
N LEU A 93 -24.00 13.87 0.03
CA LEU A 93 -23.32 12.62 -0.26
C LEU A 93 -22.95 11.82 1.01
N PRO A 94 -23.51 10.60 1.13
CA PRO A 94 -23.60 9.94 2.41
C PRO A 94 -22.31 9.40 3.04
N TYR A 95 -21.23 9.33 2.28
CA TYR A 95 -19.95 8.83 2.81
C TYR A 95 -18.98 9.89 3.27
N GLY A 96 -19.34 11.18 3.15
CA GLY A 96 -18.56 12.28 3.73
C GLY A 96 -17.35 12.63 2.88
N SER A 97 -16.35 13.30 3.46
CA SER A 97 -15.14 13.71 2.72
C SER A 97 -14.26 12.51 2.48
N LEU A 98 -13.48 12.57 1.39
CA LEU A 98 -12.56 11.49 1.08
C LEU A 98 -11.58 11.35 2.24
N ARG A 99 -11.13 12.49 2.78
CA ARG A 99 -10.29 12.48 3.97
C ARG A 99 -10.79 11.55 5.10
N ASP A 100 -12.04 11.73 5.54
CA ASP A 100 -12.51 11.00 6.71
C ASP A 100 -12.84 9.61 6.28
N TYR A 101 -13.32 9.48 5.06
CA TYR A 101 -13.71 8.18 4.56
C TYR A 101 -12.50 7.28 4.56
N LEU A 102 -11.39 7.80 4.04
CA LEU A 102 -10.22 6.97 3.83
C LEU A 102 -9.52 6.62 5.17
N GLN A 103 -9.54 7.56 6.10
CA GLN A 103 -9.02 7.41 7.41
C GLN A 103 -9.76 6.28 8.15
N LYS A 104 -11.09 6.34 8.14
CA LYS A 104 -11.90 5.40 8.90
C LYS A 104 -11.89 4.00 8.28
N HIS A 105 -11.60 3.93 6.98
CA HIS A 105 -11.98 2.77 6.19
C HIS A 105 -10.85 2.26 5.30
N LYS A 106 -9.67 2.06 5.89
CA LYS A 106 -8.44 1.97 5.10
C LYS A 106 -8.21 0.58 4.51
N GLU A 107 -8.28 -0.45 5.35
CA GLU A 107 -9.47 -1.28 5.46
C GLU A 107 -9.97 -1.73 4.09
N ARG A 108 -11.08 -1.12 3.66
CA ARG A 108 -11.82 -1.56 2.48
C ARG A 108 -11.28 -0.92 1.21
N ILE A 109 -10.15 -0.22 1.34
CA ILE A 109 -9.64 0.60 0.25
C ILE A 109 -8.22 0.21 -0.13
N ASP A 110 -8.08 -0.48 -1.26
CA ASP A 110 -6.77 -0.75 -1.84
C ASP A 110 -6.25 0.29 -2.84
N HIS A 111 -4.99 0.13 -3.21
CA HIS A 111 -4.34 0.99 -4.17
C HIS A 111 -5.15 1.20 -5.48
N ILE A 112 -5.78 0.13 -5.93
CA ILE A 112 -6.55 0.15 -7.15
C ILE A 112 -7.70 1.15 -6.98
N LYS A 113 -8.39 1.10 -5.83
CA LYS A 113 -9.43 2.12 -5.54
C LYS A 113 -8.91 3.58 -5.46
N LEU A 114 -7.71 3.75 -4.91
CA LEU A 114 -7.11 5.06 -4.78
C LEU A 114 -6.86 5.64 -6.16
N LEU A 115 -6.47 4.78 -7.10
CA LEU A 115 -6.25 5.25 -8.48
C LEU A 115 -7.54 5.53 -9.24
N GLN A 116 -8.56 4.76 -8.97
CA GLN A 116 -9.91 5.08 -9.44
C GLN A 116 -10.38 6.47 -8.97
N TYR A 117 -10.21 6.78 -7.69
CA TYR A 117 -10.57 8.12 -7.17
C TYR A 117 -9.76 9.17 -7.84
N THR A 118 -8.46 8.89 -7.90
CA THR A 118 -7.47 9.80 -8.48
C THR A 118 -7.86 10.19 -9.86
N SER A 119 -8.28 9.20 -10.59
CA SER A 119 -8.67 9.39 -11.94
C SER A 119 -9.95 10.24 -12.03
N GLN A 120 -10.89 10.05 -11.10
CA GLN A 120 -12.08 10.88 -11.11
C GLN A 120 -11.78 12.30 -10.69
N ILE A 121 -10.86 12.46 -9.76
CA ILE A 121 -10.42 13.81 -9.40
C ILE A 121 -9.86 14.56 -10.62
N CYS A 122 -9.00 13.92 -11.43
CA CYS A 122 -8.49 14.45 -12.69
C CYS A 122 -9.49 14.84 -13.72
N LYS A 123 -10.49 13.98 -13.93
CA LYS A 123 -11.54 14.26 -14.88
C LYS A 123 -12.36 15.48 -14.47
N GLY A 124 -12.58 15.66 -13.18
CA GLY A 124 -13.42 16.73 -12.67
C GLY A 124 -12.62 18.01 -12.75
N MET A 125 -11.34 17.93 -12.41
CA MET A 125 -10.42 19.04 -12.53
C MET A 125 -10.22 19.43 -14.00
N GLU A 126 -10.10 18.48 -14.90
CA GLU A 126 -10.04 18.82 -16.31
C GLU A 126 -11.32 19.61 -16.75
N TYR A 127 -12.49 19.29 -16.20
CA TYR A 127 -13.72 19.96 -16.57
C TYR A 127 -13.67 21.40 -16.10
N LEU A 128 -13.12 21.59 -14.90
CA LEU A 128 -12.85 22.92 -14.35
C LEU A 128 -12.03 23.78 -15.30
N GLY A 129 -10.86 23.25 -15.69
CA GLY A 129 -10.00 23.85 -16.72
C GLY A 129 -10.67 24.18 -18.04
N THR A 130 -11.59 23.36 -18.44
CA THR A 130 -12.45 23.66 -19.58
C THR A 130 -13.10 25.03 -19.45
N LYS A 131 -13.41 25.37 -18.20
CA LYS A 131 -14.17 26.57 -17.93
C LYS A 131 -13.31 27.72 -17.46
N ARG A 132 -12.00 27.48 -17.36
CA ARG A 132 -11.03 28.49 -16.91
C ARG A 132 -11.20 28.83 -15.42
N TYR A 133 -11.64 27.82 -14.68
CA TYR A 133 -11.77 27.86 -13.25
C TYR A 133 -10.49 27.31 -12.60
N ILE A 134 -9.90 28.08 -11.69
CA ILE A 134 -8.89 27.58 -10.78
C ILE A 134 -9.48 27.27 -9.41
N HIS A 135 -9.32 26.04 -8.96
CA HIS A 135 -9.96 25.57 -7.74
C HIS A 135 -9.33 26.24 -6.51
N ARG A 136 -8.03 26.02 -6.33
CA ARG A 136 -7.25 26.79 -5.37
C ARG A 136 -7.25 26.14 -3.99
N ASP A 137 -7.89 24.98 -3.90
CA ASP A 137 -8.10 24.33 -2.61
C ASP A 137 -8.31 22.83 -2.78
N LEU A 138 -7.54 22.23 -3.68
CA LEU A 138 -7.52 20.77 -3.83
C LEU A 138 -6.89 20.10 -2.61
N ALA A 139 -7.66 19.25 -1.95
CA ALA A 139 -7.21 18.58 -0.73
C ALA A 139 -8.26 17.54 -0.50
N THR A 140 -7.88 16.37 0.02
CA THR A 140 -8.89 15.29 0.22
C THR A 140 -10.12 15.69 1.05
N ARG A 141 -9.97 16.65 1.95
CA ARG A 141 -11.07 17.12 2.79
C ARG A 141 -12.17 17.82 1.95
N ASN A 142 -11.83 18.17 0.70
CA ASN A 142 -12.75 18.91 -0.19
C ASN A 142 -13.29 17.99 -1.29
N ILE A 143 -12.81 16.74 -1.26
CA ILE A 143 -13.36 15.67 -2.07
C ILE A 143 -14.46 14.92 -1.30
N LEU A 144 -15.47 14.56 -2.03
CA LEU A 144 -16.65 13.98 -1.40
C LEU A 144 -16.89 12.58 -1.99
N VAL A 145 -17.28 11.65 -1.15
CA VAL A 145 -17.52 10.24 -1.55
C VAL A 145 -18.99 9.96 -1.79
N GLU A 146 -19.33 9.68 -3.05
CA GLU A 146 -20.71 9.35 -3.39
C GLU A 146 -21.12 7.94 -3.01
N ASN A 147 -20.27 7.00 -3.41
CA ASN A 147 -20.36 5.61 -2.99
C ASN A 147 -18.92 5.12 -3.02
N GLU A 148 -18.74 3.81 -2.83
CA GLU A 148 -17.42 3.12 -2.69
C GLU A 148 -16.50 3.30 -3.89
N ASN A 149 -17.16 3.52 -5.04
CA ASN A 149 -16.56 3.59 -6.33
C ASN A 149 -16.55 4.97 -7.00
N ARG A 150 -17.06 6.01 -6.31
CA ARG A 150 -17.25 7.32 -6.94
C ARG A 150 -17.01 8.52 -6.02
N VAL A 151 -16.07 9.39 -6.43
CA VAL A 151 -15.84 10.66 -5.73
C VAL A 151 -16.19 11.89 -6.57
N LYS A 152 -16.51 12.97 -5.89
CA LYS A 152 -16.81 14.26 -6.52
C LYS A 152 -16.01 15.33 -5.81
N ILE A 153 -15.60 16.32 -6.56
CA ILE A 153 -15.17 17.60 -5.98
C ILE A 153 -16.35 18.35 -5.34
N GLY A 154 -16.14 18.74 -4.08
CA GLY A 154 -17.22 18.90 -3.12
C GLY A 154 -17.42 20.30 -2.65
N ASP A 155 -16.47 21.18 -2.98
CA ASP A 155 -16.46 22.53 -2.47
C ASP A 155 -15.65 23.40 -3.41
N PHE A 156 -16.15 24.64 -3.60
CA PHE A 156 -15.58 25.63 -4.49
C PHE A 156 -15.37 27.04 -3.81
N GLY A 157 -15.19 27.06 -2.48
CA GLY A 157 -15.08 28.31 -1.76
C GLY A 157 -14.01 29.32 -2.22
N LEU A 158 -12.89 28.84 -2.79
CA LEU A 158 -11.70 29.63 -3.18
C LEU A 158 -11.52 29.61 -4.71
N THR A 159 -12.43 28.95 -5.41
CA THR A 159 -12.36 28.84 -6.86
C THR A 159 -12.56 30.22 -7.56
N LYS A 160 -11.72 30.49 -8.55
CA LYS A 160 -11.84 31.70 -9.35
C LYS A 160 -11.90 31.39 -10.84
N VAL A 161 -12.32 32.37 -11.63
CA VAL A 161 -12.00 32.40 -13.05
C VAL A 161 -10.76 33.25 -13.31
N LEU A 162 -9.68 32.59 -13.71
CA LEU A 162 -8.83 33.12 -14.78
C LEU A 162 -9.47 34.31 -15.46
N PRO A 163 -9.00 35.50 -15.11
CA PRO A 163 -8.82 36.59 -16.09
C PRO A 163 -8.62 36.04 -17.50
N GLN A 164 -8.73 36.92 -18.50
CA GLN A 164 -9.23 36.52 -19.81
C GLN A 164 -8.25 36.93 -20.91
N ASP A 165 -7.14 37.55 -20.51
CA ASP A 165 -5.93 37.53 -21.32
C ASP A 165 -4.87 36.62 -20.71
N LYS A 166 -5.12 36.17 -19.49
CA LYS A 166 -4.06 35.73 -18.60
C LYS A 166 -4.28 34.30 -18.13
N GLU A 167 -3.18 33.54 -18.00
CA GLU A 167 -3.28 32.13 -17.66
C GLU A 167 -3.01 31.90 -16.17
N PTR A 168 -2.87 32.99 -15.43
CA PTR A 168 -2.84 32.93 -13.97
C PTR A 168 -3.78 33.95 -13.35
O PTR A 168 -4.18 34.91 -14.00
CB PTR A 168 -1.41 33.14 -13.46
CG PTR A 168 -0.82 34.48 -13.86
CD1 PTR A 168 -0.18 34.64 -15.07
CD2 PTR A 168 -0.90 35.58 -13.01
CE1 PTR A 168 0.37 35.85 -15.44
CE2 PTR A 168 -0.36 36.79 -13.37
CZ PTR A 168 0.27 36.93 -14.59
OH PTR A 168 0.76 38.01 -14.91
P PTR A 168 2.32 38.11 -15.29
O1P PTR A 168 2.69 39.54 -15.33
O2P PTR A 168 2.56 37.48 -16.67
O3P PTR A 168 3.16 37.39 -14.23
N PTR A 169 -4.13 33.73 -12.09
CA PTR A 169 -4.97 34.67 -11.35
C PTR A 169 -4.41 34.93 -9.96
O PTR A 169 -4.27 34.02 -9.14
CB PTR A 169 -6.41 34.15 -11.24
CG PTR A 169 -7.31 34.99 -10.38
CD1 PTR A 169 -7.18 34.97 -8.99
CD2 PTR A 169 -8.27 35.81 -10.94
CE1 PTR A 169 -8.01 35.74 -8.19
CE2 PTR A 169 -9.10 36.59 -10.14
CZ PTR A 169 -8.96 36.55 -8.77
OH PTR A 169 -9.69 37.24 -8.07
P PTR A 169 -10.60 38.40 -8.73
O1P PTR A 169 -11.77 37.77 -9.35
O2P PTR A 169 -9.78 39.15 -9.79
O3P PTR A 169 -11.04 39.38 -7.64
N LYS A 170 -4.08 36.19 -9.69
CA LYS A 170 -3.33 36.56 -8.49
C LYS A 170 -4.26 37.03 -7.38
N VAL A 171 -4.25 36.31 -6.27
CA VAL A 171 -5.18 36.58 -5.17
C VAL A 171 -4.52 36.34 -3.82
N LYS A 172 -4.66 37.31 -2.92
CA LYS A 172 -4.16 37.16 -1.56
C LYS A 172 -5.26 37.42 -0.54
N GLU A 173 -5.57 36.39 0.25
CA GLU A 173 -6.79 36.40 1.06
C GLU A 173 -6.46 36.60 2.54
N PRO A 174 -7.31 37.36 3.23
CA PRO A 174 -7.17 37.56 4.67
C PRO A 174 -7.07 36.22 5.41
N GLY A 175 -6.17 36.19 6.41
CA GLY A 175 -6.08 35.07 7.34
C GLY A 175 -5.27 33.88 6.85
N GLU A 176 -5.86 32.69 6.98
CA GLU A 176 -5.11 31.41 6.88
C GLU A 176 -5.27 30.65 5.57
N SER A 177 -4.14 30.43 4.90
CA SER A 177 -4.06 29.64 3.70
C SER A 177 -3.51 28.24 3.98
N PRO A 178 -3.99 27.24 3.21
CA PRO A 178 -3.47 25.87 3.27
C PRO A 178 -2.13 25.84 2.53
N ILE A 179 -1.14 26.46 3.13
CA ILE A 179 0.15 26.65 2.50
C ILE A 179 0.91 25.37 2.24
N PHE A 180 0.62 24.28 2.93
CA PHE A 180 1.35 23.03 2.66
C PHE A 180 0.81 22.27 1.46
N TRP A 181 -0.26 22.78 0.86
CA TRP A 181 -0.75 22.29 -0.46
C TRP A 181 -0.41 23.30 -1.58
N TYR A 182 0.15 24.46 -1.25
CA TYR A 182 0.45 25.48 -2.27
C TYR A 182 1.71 25.26 -3.12
N ALA A 183 1.61 25.61 -4.39
CA ALA A 183 2.71 25.56 -5.34
C ALA A 183 3.63 26.69 -4.94
N PRO A 184 4.92 26.56 -5.22
CA PRO A 184 5.84 27.62 -4.71
C PRO A 184 5.49 29.02 -5.24
N GLU A 185 5.07 29.12 -6.51
CA GLU A 185 4.66 30.40 -7.10
C GLU A 185 3.47 31.03 -6.43
N SER A 186 2.65 30.20 -5.79
CA SER A 186 1.44 30.69 -5.12
C SER A 186 1.86 31.21 -3.78
N LEU A 187 2.92 30.66 -3.23
CA LEU A 187 3.42 31.10 -1.92
C LEU A 187 4.13 32.43 -2.03
N THR A 188 4.97 32.54 -3.07
CA THR A 188 5.87 33.67 -3.28
C THR A 188 5.21 34.73 -4.11
N GLU A 189 4.44 34.35 -5.11
CA GLU A 189 3.91 35.35 -5.98
C GLU A 189 2.39 35.50 -5.91
N SER A 190 1.71 34.63 -5.16
CA SER A 190 0.23 34.65 -5.11
C SER A 190 -0.46 34.33 -6.42
N LYS A 191 0.23 33.55 -7.27
CA LYS A 191 -0.28 33.19 -8.60
C LYS A 191 -0.91 31.83 -8.58
N PHE A 192 -2.14 31.78 -9.06
CA PHE A 192 -2.87 30.53 -9.17
C PHE A 192 -3.22 30.29 -10.61
N SER A 193 -3.05 29.04 -11.02
CA SER A 193 -3.28 28.65 -12.41
C SER A 193 -3.66 27.16 -12.38
N VAL A 194 -4.15 26.64 -13.50
CA VAL A 194 -4.25 25.22 -13.66
C VAL A 194 -3.01 24.48 -13.12
N ALA A 195 -1.81 24.98 -13.44
CA ALA A 195 -0.56 24.32 -13.00
C ALA A 195 -0.40 24.34 -11.49
N SER A 196 -0.84 25.42 -10.84
CA SER A 196 -0.83 25.36 -9.39
C SER A 196 -1.88 24.35 -8.91
N ASP A 197 -2.93 24.13 -9.71
CA ASP A 197 -3.91 23.13 -9.28
C ASP A 197 -3.28 21.78 -9.35
N VAL A 198 -2.43 21.60 -10.36
CA VAL A 198 -1.77 20.35 -10.58
C VAL A 198 -0.75 20.07 -9.47
N TRP A 199 0.01 21.08 -9.03
CA TRP A 199 0.84 20.94 -7.84
C TRP A 199 0.02 20.36 -6.68
N SER A 200 -1.10 20.99 -6.38
CA SER A 200 -2.01 20.58 -5.31
C SER A 200 -2.61 19.22 -5.57
N PHE A 201 -2.91 18.91 -6.81
CA PHE A 201 -3.31 17.54 -7.12
C PHE A 201 -2.27 16.49 -6.64
N GLY A 202 -0.99 16.76 -6.88
CA GLY A 202 0.11 15.87 -6.40
C GLY A 202 0.11 15.60 -4.93
N VAL A 203 -0.14 16.67 -4.16
CA VAL A 203 -0.33 16.59 -2.71
C VAL A 203 -1.55 15.79 -2.32
N VAL A 204 -2.64 15.96 -3.07
CA VAL A 204 -3.83 15.16 -2.88
C VAL A 204 -3.47 13.66 -2.98
N LEU A 205 -2.68 13.36 -4.01
CA LEU A 205 -2.32 12.04 -4.35
C LEU A 205 -1.42 11.45 -3.27
N TYR A 206 -0.48 12.26 -2.77
CA TYR A 206 0.27 11.91 -1.59
C TYR A 206 -0.64 11.56 -0.37
N GLU A 207 -1.62 12.43 -0.07
CA GLU A 207 -2.58 12.17 1.03
C GLU A 207 -3.25 10.80 0.84
N LEU A 208 -3.73 10.53 -0.35
CA LEU A 208 -4.39 9.28 -0.59
C LEU A 208 -3.43 8.14 -0.21
N PHE A 209 -2.20 8.20 -0.74
CA PHE A 209 -1.26 7.13 -0.48
C PHE A 209 -0.75 6.99 0.95
N THR A 210 -0.86 8.04 1.77
CA THR A 210 -0.54 7.97 3.19
C THR A 210 -1.71 7.40 3.98
N TYR A 211 -2.86 7.16 3.34
CA TYR A 211 -4.08 6.75 4.04
C TYR A 211 -4.55 7.72 5.16
N ILE A 212 -4.17 8.97 4.99
CA ILE A 212 -4.40 10.01 5.98
C ILE A 212 -3.89 9.58 7.34
N GLU A 213 -2.69 9.03 7.42
CA GLU A 213 -2.00 8.87 8.70
C GLU A 213 -1.56 10.23 9.26
N LYS A 214 -1.91 10.48 10.51
CA LYS A 214 -1.83 11.82 11.07
C LYS A 214 -0.40 12.32 11.11
N SER A 215 0.52 11.47 11.57
CA SER A 215 1.93 11.81 11.64
C SER A 215 2.50 12.12 10.25
N LYS A 216 1.72 11.79 9.23
CA LYS A 216 2.25 11.72 7.87
C LYS A 216 1.68 12.84 6.99
N SER A 217 0.76 13.61 7.56
CA SER A 217 0.15 14.73 6.85
C SER A 217 1.23 15.68 6.31
N PRO A 218 0.91 16.34 5.20
CA PRO A 218 1.76 17.38 4.67
C PRO A 218 2.31 18.38 5.71
N PRO A 219 1.44 19.04 6.53
CA PRO A 219 1.96 19.96 7.55
C PRO A 219 2.99 19.29 8.45
N ALA A 220 2.61 18.14 9.04
CA ALA A 220 3.51 17.39 9.91
C ALA A 220 4.84 17.14 9.21
N GLU A 221 4.77 16.58 8.00
CA GLU A 221 6.00 16.29 7.24
C GLU A 221 6.86 17.52 6.96
N PHE A 222 6.22 18.55 6.37
CA PHE A 222 6.93 19.79 6.09
C PHE A 222 7.46 20.46 7.37
N MET A 223 6.63 20.51 8.42
CA MET A 223 7.05 21.08 9.72
C MET A 223 8.28 20.36 10.26
N ARG A 224 8.30 19.02 10.21
CA ARG A 224 9.51 18.25 10.52
C ARG A 224 10.71 18.60 9.68
N MET A 225 10.50 18.67 8.37
CA MET A 225 11.54 19.09 7.43
C MET A 225 12.06 20.50 7.72
N ILE A 226 11.18 21.39 8.19
CA ILE A 226 11.57 22.78 8.49
C ILE A 226 12.19 22.95 9.88
N GLY A 227 11.70 22.15 10.84
CA GLY A 227 11.90 22.43 12.25
C GLY A 227 10.68 23.07 12.89
N ASN A 228 9.95 22.27 13.67
CA ASN A 228 8.99 22.82 14.62
C ASN A 228 9.65 23.74 15.65
N ASP A 229 10.94 24.00 15.46
CA ASP A 229 11.66 24.98 16.27
C ASP A 229 12.16 26.14 15.42
N LYS A 230 11.70 26.20 14.17
CA LYS A 230 11.80 27.42 13.37
C LYS A 230 11.00 28.55 14.01
N GLN A 231 9.77 28.73 13.55
CA GLN A 231 8.94 29.84 13.99
C GLN A 231 7.45 29.53 13.78
N GLY A 232 6.64 30.58 13.78
CA GLY A 232 5.25 30.46 13.40
C GLY A 232 4.86 31.41 12.27
N GLN A 233 5.74 32.35 11.97
CA GLN A 233 5.51 33.32 10.89
C GLN A 233 6.55 33.25 9.78
N MET A 234 7.77 32.82 10.12
CA MET A 234 8.78 32.62 9.08
C MET A 234 8.54 31.24 8.43
N ILE A 235 7.52 30.55 8.95
CA ILE A 235 7.10 29.25 8.43
C ILE A 235 6.93 29.33 6.94
N VAL A 236 6.22 30.34 6.46
CA VAL A 236 6.09 30.54 5.02
C VAL A 236 7.45 30.74 4.34
N PHE A 237 8.31 31.59 4.90
CA PHE A 237 9.68 31.77 4.38
C PHE A 237 10.51 30.45 4.30
N HIS A 238 10.56 29.73 5.41
CA HIS A 238 11.29 28.48 5.43
C HIS A 238 10.73 27.45 4.45
N LEU A 239 9.43 27.47 4.23
CA LEU A 239 8.82 26.50 3.33
C LEU A 239 9.09 26.88 1.87
N ILE A 240 9.18 28.16 1.60
CA ILE A 240 9.49 28.64 0.29
C ILE A 240 10.91 28.23 0.01
N GLU A 241 11.78 28.28 1.02
CA GLU A 241 13.19 27.94 0.82
C GLU A 241 13.36 26.47 0.60
N LEU A 242 12.71 25.71 1.45
CA LEU A 242 12.75 24.25 1.37
C LEU A 242 12.34 23.78 -0.03
N LEU A 243 11.23 24.28 -0.51
CA LEU A 243 10.78 23.90 -1.83
C LEU A 243 11.73 24.34 -2.92
N LYS A 244 12.33 25.53 -2.76
CA LYS A 244 13.40 26.05 -3.63
C LYS A 244 14.55 25.06 -3.73
N ASN A 245 14.98 24.54 -2.58
CA ASN A 245 16.05 23.54 -2.53
C ASN A 245 15.59 22.12 -2.78
N ASN A 246 14.45 22.00 -3.48
CA ASN A 246 13.87 20.74 -3.90
C ASN A 246 13.59 19.77 -2.77
N GLY A 247 13.30 20.33 -1.59
CA GLY A 247 12.80 19.53 -0.51
C GLY A 247 11.38 19.14 -0.87
N ARG A 248 11.00 17.92 -0.51
CA ARG A 248 9.72 17.38 -0.88
C ARG A 248 9.17 16.30 0.03
N LEU A 249 7.83 16.24 0.06
CA LEU A 249 7.06 15.21 0.73
C LEU A 249 7.60 13.84 0.34
N PRO A 250 7.88 13.00 1.36
CA PRO A 250 8.44 11.65 1.14
C PRO A 250 7.46 10.77 0.36
N ARG A 251 7.97 9.74 -0.27
CA ARG A 251 7.13 8.73 -0.85
C ARG A 251 6.39 7.99 0.30
N PRO A 252 5.05 7.99 0.28
CA PRO A 252 4.30 7.20 1.28
C PRO A 252 4.65 5.73 1.33
N ASP A 253 4.64 5.19 2.54
CA ASP A 253 4.77 3.77 2.79
C ASP A 253 3.89 3.05 1.83
N GLY A 254 4.42 2.05 1.15
CA GLY A 254 3.60 1.27 0.23
C GLY A 254 3.48 1.86 -1.16
N CYS A 255 3.79 3.18 -1.34
CA CYS A 255 3.53 3.81 -2.62
C CYS A 255 4.43 3.18 -3.66
N PRO A 256 3.88 2.70 -4.79
CA PRO A 256 4.73 2.32 -5.94
C PRO A 256 5.47 3.55 -6.53
N ASP A 257 6.75 3.35 -6.85
CA ASP A 257 7.65 4.36 -7.40
C ASP A 257 7.04 5.14 -8.58
N GLU A 258 6.13 4.52 -9.30
CA GLU A 258 5.58 5.12 -10.47
C GLU A 258 4.44 6.05 -10.13
N ILE A 259 3.74 5.81 -9.00
CA ILE A 259 2.78 6.78 -8.44
C ILE A 259 3.57 7.92 -7.78
N TYR A 260 4.66 7.58 -7.08
CA TYR A 260 5.44 8.63 -6.52
C TYR A 260 6.07 9.55 -7.61
N MET A 261 6.42 8.98 -8.76
CA MET A 261 6.91 9.77 -9.93
C MET A 261 5.87 10.76 -10.46
N ILE A 262 4.58 10.35 -10.49
CA ILE A 262 3.47 11.27 -10.83
C ILE A 262 3.46 12.47 -9.89
N MET A 263 3.43 12.16 -8.61
CA MET A 263 3.52 13.13 -7.53
C MET A 263 4.67 14.08 -7.76
N THR A 264 5.87 13.54 -7.94
CA THR A 264 7.05 14.42 -7.98
C THR A 264 7.07 15.28 -9.23
N GLU A 265 6.48 14.75 -10.29
CA GLU A 265 6.34 15.53 -11.52
C GLU A 265 5.33 16.65 -11.39
N CYS A 266 4.36 16.49 -10.49
CA CYS A 266 3.42 17.57 -10.19
C CYS A 266 4.07 18.65 -9.33
N TRP A 267 5.02 18.25 -8.51
CA TRP A 267 5.79 19.18 -7.70
C TRP A 267 7.03 19.67 -8.45
N ASN A 268 6.84 20.06 -9.70
CA ASN A 268 7.87 20.79 -10.44
C ASN A 268 7.90 22.28 -10.09
N ASN A 269 9.08 22.75 -9.72
CA ASN A 269 9.28 24.17 -9.49
C ASN A 269 9.01 24.94 -10.78
N ASN A 270 9.28 24.30 -11.93
CA ASN A 270 8.94 24.88 -13.20
C ASN A 270 7.46 24.71 -13.54
N VAL A 271 6.68 25.76 -13.31
CA VAL A 271 5.23 25.72 -13.50
C VAL A 271 4.81 25.04 -14.84
N ASN A 272 5.51 25.40 -15.92
CA ASN A 272 5.22 24.92 -17.27
C ASN A 272 5.54 23.47 -17.52
N GLN A 273 6.41 22.85 -16.72
CA GLN A 273 6.74 21.44 -16.92
C GLN A 273 5.85 20.48 -16.15
N ARG A 274 4.90 21.00 -15.35
CA ARG A 274 4.01 20.09 -14.63
C ARG A 274 3.08 19.45 -15.66
N PRO A 275 2.69 18.19 -15.46
CA PRO A 275 1.72 17.58 -16.43
C PRO A 275 0.33 18.21 -16.39
N SER A 276 -0.43 17.96 -17.42
CA SER A 276 -1.79 18.42 -17.50
C SER A 276 -2.70 17.39 -16.82
N PHE A 277 -3.90 17.80 -16.41
CA PHE A 277 -4.87 16.88 -15.89
C PHE A 277 -5.24 15.75 -16.86
N ARG A 278 -5.39 16.04 -18.15
CA ARG A 278 -5.61 14.98 -19.16
C ARG A 278 -4.52 13.91 -19.24
N ASP A 279 -3.26 14.34 -19.19
CA ASP A 279 -2.11 13.45 -19.09
C ASP A 279 -2.08 12.63 -17.81
N LEU A 280 -2.37 13.30 -16.70
CA LEU A 280 -2.46 12.64 -15.41
C LEU A 280 -3.47 11.50 -15.47
N ALA A 281 -4.65 11.76 -16.03
CA ALA A 281 -5.76 10.76 -16.10
C ALA A 281 -5.40 9.56 -16.97
N LEU A 282 -4.69 9.86 -18.07
CA LEU A 282 -4.17 8.88 -19.01
C LEU A 282 -3.19 7.92 -18.35
N ARG A 283 -2.27 8.49 -17.56
CA ARG A 283 -1.23 7.72 -16.91
C ARG A 283 -1.80 6.97 -15.72
N VAL A 284 -2.70 7.60 -14.99
CA VAL A 284 -3.36 6.96 -13.85
C VAL A 284 -4.24 5.80 -14.30
N ASP A 285 -5.15 6.08 -15.23
CA ASP A 285 -6.00 5.04 -15.80
C ASP A 285 -5.17 3.84 -16.26
N GLN A 286 -3.91 4.08 -16.58
CA GLN A 286 -3.10 3.11 -17.31
C GLN A 286 -2.28 2.25 -16.35
N ILE A 287 -1.65 2.90 -15.37
CA ILE A 287 -1.15 2.20 -14.19
C ILE A 287 -2.24 1.34 -13.56
N ARG A 288 -3.48 1.82 -13.60
CA ARG A 288 -4.62 1.05 -13.14
C ARG A 288 -4.70 -0.29 -13.87
N ASP A 289 -4.71 -0.25 -15.20
CA ASP A 289 -4.88 -1.45 -16.00
C ASP A 289 -3.80 -2.48 -15.75
N GLN A 290 -2.55 -2.06 -15.82
CA GLN A 290 -1.45 -2.95 -15.45
C GLN A 290 -1.54 -3.57 -14.03
N MET A 291 -2.35 -2.97 -13.15
CA MET A 291 -2.54 -3.49 -11.81
C MET A 291 -3.66 -4.52 -11.77
N ALA A 292 -4.52 -4.50 -12.78
CA ALA A 292 -5.66 -5.41 -12.85
C ALA A 292 -5.22 -6.78 -13.39
N GLY A 293 -4.86 -6.82 -14.67
CA GLY A 293 -4.65 -8.10 -15.37
C GLY A 293 -3.20 -8.53 -15.64
N ASP B 1 6.03 -40.81 -16.94
CA ASP B 1 7.01 -41.96 -16.94
C ASP B 1 8.39 -41.58 -16.38
N PRO B 2 9.13 -40.63 -17.03
CA PRO B 2 10.26 -39.94 -16.33
C PRO B 2 9.87 -39.26 -15.01
N THR B 3 8.64 -38.75 -14.93
CA THR B 3 8.15 -38.10 -13.72
C THR B 3 7.63 -39.14 -12.72
N GLN B 4 7.76 -40.41 -13.08
CA GLN B 4 7.29 -41.50 -12.22
C GLN B 4 8.45 -42.32 -11.69
N PHE B 5 8.79 -42.11 -10.42
CA PHE B 5 9.90 -42.81 -9.80
C PHE B 5 9.43 -44.01 -9.00
N GLU B 6 10.37 -44.84 -8.55
CA GLU B 6 10.15 -46.28 -8.48
C GLU B 6 10.73 -46.85 -7.20
N GLU B 7 9.96 -46.79 -6.12
CA GLU B 7 10.52 -46.90 -4.77
C GLU B 7 11.75 -47.79 -4.75
N ARG B 8 11.65 -48.94 -5.42
CA ARG B 8 12.74 -49.91 -5.44
C ARG B 8 14.07 -49.48 -6.08
N HIS B 9 14.15 -48.28 -6.68
CA HIS B 9 15.43 -47.83 -7.27
C HIS B 9 16.01 -46.63 -6.56
N LEU B 10 15.30 -46.18 -5.54
CA LEU B 10 15.58 -44.89 -4.93
C LEU B 10 16.40 -45.14 -3.68
N LYS B 11 17.69 -44.83 -3.74
CA LYS B 11 18.62 -45.23 -2.67
C LYS B 11 18.77 -44.12 -1.65
N PHE B 12 18.38 -44.40 -0.40
CA PHE B 12 18.40 -43.41 0.66
C PHE B 12 19.82 -43.07 1.07
N LEU B 13 20.12 -41.78 1.17
CA LEU B 13 21.47 -41.31 1.47
C LEU B 13 21.55 -40.67 2.84
N GLN B 14 20.73 -39.64 3.05
CA GLN B 14 20.59 -39.03 4.37
C GLN B 14 19.36 -38.14 4.45
N GLN B 15 19.01 -37.73 5.66
CA GLN B 15 17.96 -36.76 5.86
C GLN B 15 18.49 -35.36 5.55
N LEU B 16 17.61 -34.56 4.91
CA LEU B 16 17.88 -33.15 4.62
C LEU B 16 17.06 -32.23 5.52
N GLY B 17 15.86 -32.62 5.92
CA GLY B 17 15.13 -31.80 6.89
C GLY B 17 13.77 -32.32 7.19
N LYS B 18 13.10 -31.62 8.10
CA LYS B 18 11.78 -31.96 8.61
C LYS B 18 10.83 -30.78 8.57
N GLY B 19 9.54 -31.07 8.47
CA GLY B 19 8.48 -30.08 8.66
C GLY B 19 7.68 -30.61 9.84
N ASN B 20 6.43 -30.18 9.97
CA ASN B 20 5.60 -30.65 11.08
C ASN B 20 5.06 -32.10 10.90
N PHE B 21 4.68 -32.41 9.65
CA PHE B 21 4.01 -33.67 9.26
C PHE B 21 4.83 -34.41 8.21
N GLY B 22 6.02 -33.91 7.95
CA GLY B 22 6.78 -34.35 6.79
C GLY B 22 8.27 -34.09 6.87
N SER B 23 8.95 -34.53 5.82
CA SER B 23 10.36 -34.82 5.88
C SER B 23 10.91 -34.85 4.45
N VAL B 24 12.14 -34.37 4.28
CA VAL B 24 12.91 -34.41 3.02
C VAL B 24 14.26 -35.17 3.18
N GLU B 25 14.51 -36.07 2.24
CA GLU B 25 15.68 -36.94 2.31
C GLU B 25 16.51 -36.86 1.03
N MET B 26 17.82 -37.07 1.16
CA MET B 26 18.70 -37.13 0.01
C MET B 26 18.80 -38.54 -0.55
N CYS B 27 18.33 -38.74 -1.78
CA CYS B 27 18.23 -40.06 -2.35
C CYS B 27 18.83 -40.11 -3.75
N ARG B 28 19.46 -41.22 -4.10
CA ARG B 28 19.87 -41.48 -5.47
C ARG B 28 18.87 -42.41 -6.17
N TYR B 29 18.34 -41.95 -7.30
CA TYR B 29 17.60 -42.81 -8.20
C TYR B 29 18.55 -43.61 -9.09
N ASP B 30 18.59 -44.92 -8.88
CA ASP B 30 19.66 -45.75 -9.42
C ASP B 30 19.10 -47.05 -10.00
N PRO B 31 18.43 -46.94 -11.15
CA PRO B 31 17.73 -48.09 -11.73
C PRO B 31 18.70 -49.16 -12.22
N LEU B 32 19.92 -48.73 -12.57
CA LEU B 32 20.94 -49.65 -13.06
C LEU B 32 21.65 -50.34 -11.90
N GLN B 33 21.51 -49.76 -10.70
CA GLN B 33 22.12 -50.33 -9.51
C GLN B 33 23.64 -50.33 -9.61
N ASP B 34 24.17 -49.54 -10.54
CA ASP B 34 25.61 -49.36 -10.67
C ASP B 34 26.04 -47.98 -10.18
N ASN B 35 25.11 -47.27 -9.56
CA ASN B 35 25.46 -46.06 -8.79
C ASN B 35 25.75 -44.88 -9.69
N THR B 36 25.51 -45.04 -10.99
CA THR B 36 25.67 -43.95 -11.94
C THR B 36 24.55 -42.92 -11.79
N GLY B 37 23.60 -43.19 -10.90
CA GLY B 37 22.33 -42.51 -10.90
C GLY B 37 22.38 -41.18 -10.16
N GLU B 38 21.44 -40.30 -10.48
CA GLU B 38 21.55 -38.89 -10.09
C GLU B 38 20.74 -38.60 -8.84
N VAL B 39 21.10 -37.53 -8.15
CA VAL B 39 20.65 -37.31 -6.77
C VAL B 39 19.41 -36.42 -6.73
N VAL B 40 18.44 -36.82 -5.92
CA VAL B 40 17.18 -36.09 -5.81
C VAL B 40 16.81 -35.90 -4.37
N ALA B 41 16.06 -34.84 -4.13
CA ALA B 41 15.43 -34.68 -2.87
C ALA B 41 13.99 -35.27 -2.92
N VAL B 42 13.68 -36.08 -1.92
CA VAL B 42 12.35 -36.69 -1.80
C VAL B 42 11.64 -36.20 -0.55
N LYS B 43 10.56 -35.44 -0.74
CA LYS B 43 9.68 -35.08 0.36
C LYS B 43 8.67 -36.18 0.66
N LYS B 44 8.67 -36.65 1.90
CA LYS B 44 7.71 -37.68 2.33
C LYS B 44 6.93 -37.22 3.55
N LEU B 45 5.89 -37.96 3.88
CA LEU B 45 4.82 -37.46 4.76
C LEU B 45 4.68 -38.32 6.00
N GLN B 46 4.75 -37.69 7.17
CA GLN B 46 5.02 -38.40 8.41
C GLN B 46 3.75 -38.60 9.23
N HIS B 47 2.72 -37.83 8.92
CA HIS B 47 1.42 -37.99 9.55
C HIS B 47 0.30 -38.04 8.51
N SER B 48 -0.02 -39.24 8.04
CA SER B 48 -0.82 -39.40 6.83
C SER B 48 -2.29 -39.62 7.17
N THR B 49 -2.84 -38.73 7.98
CA THR B 49 -4.28 -38.49 7.98
C THR B 49 -4.78 -38.10 6.59
N GLU B 50 -6.06 -38.33 6.35
CA GLU B 50 -6.66 -38.05 5.05
C GLU B 50 -6.53 -36.57 4.69
N GLU B 51 -6.54 -35.72 5.71
CA GLU B 51 -6.35 -34.30 5.50
C GLU B 51 -4.96 -33.98 5.01
N HIS B 52 -3.95 -34.49 5.70
CA HIS B 52 -2.58 -34.17 5.31
C HIS B 52 -2.31 -34.78 3.94
N LEU B 53 -2.84 -35.98 3.68
CA LEU B 53 -2.70 -36.60 2.36
C LEU B 53 -3.30 -35.74 1.27
N ARG B 54 -4.46 -35.17 1.54
CA ARG B 54 -5.14 -34.30 0.57
C ARG B 54 -4.33 -33.04 0.34
N ASP B 55 -3.87 -32.43 1.43
CA ASP B 55 -2.96 -31.27 1.32
C ASP B 55 -1.68 -31.57 0.55
N PHE B 56 -1.10 -32.72 0.82
CA PHE B 56 0.10 -33.17 0.11
C PHE B 56 -0.13 -33.40 -1.42
N GLU B 57 -1.26 -33.99 -1.80
CA GLU B 57 -1.56 -34.07 -3.22
C GLU B 57 -1.68 -32.69 -3.86
N ARG B 58 -2.25 -31.72 -3.13
CA ARG B 58 -2.41 -30.36 -3.62
C ARG B 58 -1.09 -29.62 -3.66
N GLU B 59 -0.16 -29.99 -2.81
CA GLU B 59 1.18 -29.40 -2.82
C GLU B 59 1.99 -29.91 -3.99
N ILE B 60 1.90 -31.22 -4.24
CA ILE B 60 2.81 -31.89 -5.17
C ILE B 60 2.84 -31.18 -6.52
N GLU B 61 2.05 -30.11 -6.64
CA GLU B 61 1.02 -30.04 -7.66
C GLU B 61 0.78 -28.60 -8.11
N ILE B 62 0.44 -27.74 -7.15
CA ILE B 62 1.21 -26.53 -6.91
C ILE B 62 2.59 -26.62 -7.55
N LEU B 63 3.45 -27.45 -6.98
CA LEU B 63 4.88 -27.43 -7.30
C LEU B 63 5.13 -27.81 -8.75
N LYS B 64 4.52 -28.92 -9.18
CA LYS B 64 4.54 -29.27 -10.55
C LYS B 64 4.09 -28.08 -11.45
N SER B 65 3.25 -27.19 -10.94
CA SER B 65 2.73 -26.10 -11.81
C SER B 65 3.65 -24.93 -11.97
N LEU B 66 4.73 -24.91 -11.21
CA LEU B 66 5.58 -23.73 -11.12
C LEU B 66 6.81 -23.95 -11.92
N GLN B 67 7.10 -23.03 -12.83
CA GLN B 67 8.31 -23.16 -13.59
C GLN B 67 9.06 -21.84 -13.48
N HIS B 68 10.03 -21.80 -12.60
CA HIS B 68 10.71 -20.54 -12.39
C HIS B 68 12.15 -20.80 -11.96
N ASP B 69 13.06 -19.92 -12.37
CA ASP B 69 14.46 -19.99 -11.98
C ASP B 69 14.67 -19.93 -10.48
N ASN B 70 13.76 -19.27 -9.78
CA ASN B 70 13.93 -19.08 -8.34
C ASN B 70 12.97 -19.88 -7.55
N ILE B 71 12.50 -20.95 -8.18
CA ILE B 71 11.68 -21.97 -7.53
C ILE B 71 12.22 -23.37 -7.80
N VAL B 72 12.49 -24.13 -6.73
CA VAL B 72 12.90 -25.53 -6.75
C VAL B 72 12.08 -26.34 -7.74
N LYS B 73 12.79 -27.20 -8.46
CA LYS B 73 12.16 -27.96 -9.52
C LYS B 73 11.57 -29.27 -9.09
N TYR B 74 10.37 -29.45 -9.63
CA TYR B 74 9.62 -30.67 -9.57
C TYR B 74 10.26 -31.69 -10.49
N LYS B 75 10.69 -32.84 -9.94
CA LYS B 75 11.03 -33.98 -10.81
C LYS B 75 9.88 -35.03 -11.00
N GLY B 76 9.18 -35.39 -9.95
CA GLY B 76 8.01 -36.24 -10.11
C GLY B 76 7.52 -36.75 -8.78
N VAL B 77 6.92 -37.95 -8.80
CA VAL B 77 6.37 -38.55 -7.60
C VAL B 77 6.73 -40.03 -7.50
N CYS B 78 6.59 -40.59 -6.31
CA CYS B 78 6.86 -42.01 -6.10
C CYS B 78 5.75 -42.68 -5.30
N TYR B 79 5.43 -43.92 -5.67
CA TYR B 79 4.38 -44.66 -4.98
C TYR B 79 4.91 -45.97 -4.40
N SER B 80 4.17 -46.54 -3.46
CA SER B 80 4.39 -47.92 -3.04
C SER B 80 3.85 -48.90 -4.06
N ASN B 85 2.94 -45.38 -0.59
CA ASN B 85 2.99 -44.14 0.19
C ASN B 85 3.56 -42.98 -0.63
N LEU B 86 2.72 -41.99 -0.89
CA LEU B 86 3.01 -40.98 -1.89
C LEU B 86 4.23 -40.14 -1.50
N LYS B 87 5.09 -39.86 -2.47
CA LYS B 87 6.30 -39.08 -2.22
C LYS B 87 6.55 -38.09 -3.35
N LEU B 88 7.17 -36.96 -3.02
CA LEU B 88 7.42 -35.91 -3.99
C LEU B 88 8.90 -35.78 -4.31
N ILE B 89 9.25 -35.99 -5.57
CA ILE B 89 10.65 -35.94 -6.01
C ILE B 89 10.99 -34.54 -6.59
N MET B 90 12.04 -33.93 -6.04
CA MET B 90 12.55 -32.66 -6.57
C MET B 90 14.04 -32.78 -6.89
N GLU B 91 14.56 -31.79 -7.62
CA GLU B 91 16.00 -31.60 -7.73
C GLU B 91 16.65 -31.43 -6.35
N TYR B 92 17.86 -31.95 -6.20
CA TYR B 92 18.60 -31.82 -4.96
C TYR B 92 19.62 -30.69 -5.04
N LEU B 93 19.56 -29.78 -4.07
CA LEU B 93 20.47 -28.64 -4.03
C LEU B 93 21.42 -28.74 -2.84
N PRO B 94 22.70 -28.99 -3.13
CA PRO B 94 23.62 -29.56 -2.13
C PRO B 94 24.13 -28.50 -1.17
N TYR B 95 23.81 -27.23 -1.43
CA TYR B 95 24.24 -26.13 -0.59
C TYR B 95 23.23 -25.86 0.52
N GLY B 96 22.07 -26.50 0.44
CA GLY B 96 21.15 -26.57 1.55
C GLY B 96 20.40 -25.27 1.77
N SER B 97 19.87 -25.09 2.97
CA SER B 97 18.99 -23.97 3.26
C SER B 97 19.77 -22.66 3.30
N LEU B 98 19.13 -21.59 2.83
CA LEU B 98 19.73 -20.26 2.91
C LEU B 98 19.91 -19.81 4.35
N ARG B 99 19.16 -20.44 5.25
CA ARG B 99 19.35 -20.21 6.68
C ARG B 99 20.76 -20.56 7.11
N ASP B 100 21.22 -21.75 6.72
CA ASP B 100 22.52 -22.25 7.15
C ASP B 100 23.64 -21.64 6.33
N TYR B 101 23.36 -21.37 5.05
CA TYR B 101 24.36 -20.83 4.14
C TYR B 101 24.76 -19.42 4.52
N LEU B 102 23.76 -18.58 4.83
CA LEU B 102 23.99 -17.16 5.05
C LEU B 102 25.18 -16.92 5.98
N GLN B 103 25.49 -17.93 6.80
CA GLN B 103 25.56 -17.74 8.24
C GLN B 103 26.91 -18.18 8.80
N LYS B 104 27.95 -18.04 7.98
CA LYS B 104 28.82 -19.16 7.66
C LYS B 104 29.58 -18.89 6.36
N HIS B 105 28.96 -18.16 5.45
CA HIS B 105 29.65 -17.12 4.69
C HIS B 105 29.00 -15.76 4.91
N LYS B 106 28.50 -15.53 6.11
CA LYS B 106 28.22 -14.18 6.60
C LYS B 106 29.36 -13.23 6.25
N GLU B 107 30.52 -13.79 5.91
CA GLU B 107 31.75 -13.05 5.87
C GLU B 107 32.26 -12.92 4.42
N ARG B 108 31.71 -13.77 3.55
CA ARG B 108 31.94 -13.66 2.12
C ARG B 108 30.88 -12.76 1.48
N ILE B 109 29.77 -12.58 2.19
CA ILE B 109 28.55 -12.04 1.58
C ILE B 109 28.22 -10.67 2.14
N ASP B 110 28.45 -9.64 1.33
CA ASP B 110 28.15 -8.27 1.73
C ASP B 110 26.71 -7.90 1.40
N HIS B 111 26.36 -6.63 1.62
CA HIS B 111 24.97 -6.18 1.53
C HIS B 111 24.45 -6.28 0.09
N ILE B 112 25.21 -5.70 -0.84
CA ILE B 112 24.81 -5.69 -2.24
C ILE B 112 24.44 -7.09 -2.72
N LYS B 113 24.75 -8.08 -1.90
CA LYS B 113 24.76 -9.47 -2.34
C LYS B 113 23.66 -10.26 -1.63
N LEU B 114 23.38 -9.87 -0.40
CA LEU B 114 22.05 -10.02 0.18
C LEU B 114 20.95 -9.53 -0.76
N LEU B 115 21.17 -8.37 -1.37
CA LEU B 115 20.15 -7.76 -2.17
C LEU B 115 19.89 -8.52 -3.48
N GLN B 116 20.94 -9.19 -3.98
CA GLN B 116 20.80 -10.08 -5.12
C GLN B 116 19.82 -11.22 -4.83
N TYR B 117 19.99 -11.85 -3.68
CA TYR B 117 19.04 -12.86 -3.21
C TYR B 117 17.64 -12.25 -3.05
N THR B 118 17.53 -11.27 -2.17
CA THR B 118 16.29 -10.52 -2.01
C THR B 118 15.58 -10.35 -3.36
N SER B 119 16.33 -9.88 -4.36
CA SER B 119 15.79 -9.71 -5.68
C SER B 119 15.11 -10.95 -6.24
N GLN B 120 15.85 -12.06 -6.25
CA GLN B 120 15.38 -13.36 -6.72
C GLN B 120 14.16 -13.88 -5.96
N ILE B 121 14.14 -13.68 -4.65
CA ILE B 121 13.01 -14.09 -3.83
C ILE B 121 11.74 -13.32 -4.20
N CYS B 122 11.89 -12.02 -4.40
CA CYS B 122 10.79 -11.20 -4.89
C CYS B 122 10.28 -11.71 -6.24
N LYS B 123 11.21 -12.04 -7.13
CA LYS B 123 10.85 -12.54 -8.45
C LYS B 123 10.05 -13.84 -8.36
N GLY B 124 10.53 -14.76 -7.53
CA GLY B 124 9.80 -15.96 -7.24
C GLY B 124 8.39 -15.68 -6.76
N MET B 125 8.26 -14.74 -5.82
CA MET B 125 6.97 -14.45 -5.20
C MET B 125 6.05 -13.73 -6.17
N GLU B 126 6.61 -12.77 -6.91
CA GLU B 126 5.92 -12.20 -8.06
C GLU B 126 5.35 -13.29 -8.96
N TYR B 127 6.21 -14.23 -9.36
CA TYR B 127 5.87 -15.17 -10.42
C TYR B 127 4.56 -15.88 -10.13
N LEU B 128 3.96 -15.57 -8.99
CA LEU B 128 3.46 -16.59 -8.08
C LEU B 128 2.18 -16.14 -7.38
N GLY B 129 2.08 -14.84 -7.13
CA GLY B 129 0.82 -14.13 -7.24
C GLY B 129 0.27 -14.14 -8.65
N THR B 130 1.16 -14.37 -9.62
CA THR B 130 0.76 -14.41 -11.02
C THR B 130 0.09 -15.74 -11.36
N LYS B 131 -0.92 -16.11 -10.59
CA LYS B 131 -1.18 -17.52 -10.28
C LYS B 131 -1.47 -17.71 -8.80
N ARG B 132 -1.73 -16.61 -8.11
CA ARG B 132 -2.70 -16.60 -7.02
C ARG B 132 -2.41 -17.71 -6.01
N TYR B 133 -1.14 -18.08 -5.90
CA TYR B 133 -0.66 -18.82 -4.74
C TYR B 133 -0.25 -17.89 -3.61
N ILE B 134 -0.71 -18.18 -2.40
CA ILE B 134 -0.09 -17.67 -1.19
C ILE B 134 0.82 -18.72 -0.55
N HIS B 135 2.08 -18.35 -0.35
CA HIS B 135 3.07 -19.28 0.17
C HIS B 135 2.82 -19.61 1.63
N ARG B 136 2.75 -18.57 2.46
CA ARG B 136 2.24 -18.70 3.82
C ARG B 136 3.37 -18.99 4.80
N ASP B 137 4.57 -19.18 4.26
CA ASP B 137 5.65 -19.78 5.03
C ASP B 137 7.02 -19.36 4.48
N LEU B 138 7.09 -18.12 4.00
CA LEU B 138 8.37 -17.50 3.67
C LEU B 138 9.26 -17.38 4.90
N ALA B 139 10.49 -17.88 4.79
CA ALA B 139 11.44 -17.83 5.91
C ALA B 139 12.71 -18.30 5.29
N THR B 140 13.89 -17.96 5.83
CA THR B 140 15.13 -18.31 5.13
C THR B 140 15.39 -19.79 5.20
N ARG B 141 14.79 -20.44 6.21
CA ARG B 141 14.86 -21.89 6.35
C ARG B 141 14.18 -22.63 5.18
N ASN B 142 13.35 -21.91 4.43
CA ASN B 142 12.66 -22.49 3.32
C ASN B 142 13.22 -22.10 1.96
N ILE B 143 14.39 -21.42 1.96
CA ILE B 143 14.99 -20.94 0.73
C ILE B 143 16.20 -21.81 0.50
N LEU B 144 16.43 -22.18 -0.74
CA LEU B 144 17.53 -23.09 -1.01
C LEU B 144 18.53 -22.31 -1.76
N VAL B 145 19.80 -22.71 -1.59
CA VAL B 145 20.89 -22.12 -2.30
C VAL B 145 21.35 -23.08 -3.44
N GLU B 146 21.13 -22.64 -4.69
CA GLU B 146 21.65 -23.31 -5.85
C GLU B 146 23.15 -23.08 -6.07
N ASN B 147 23.57 -21.84 -5.92
CA ASN B 147 25.01 -21.52 -5.86
C ASN B 147 25.06 -20.17 -5.21
N GLU B 148 26.29 -19.65 -5.05
CA GLU B 148 26.50 -18.25 -4.72
C GLU B 148 25.34 -17.39 -5.23
N ASN B 149 25.12 -17.43 -6.54
CA ASN B 149 24.54 -16.29 -7.25
C ASN B 149 23.03 -16.47 -7.45
N ARG B 150 22.49 -17.57 -6.95
CA ARG B 150 21.11 -17.92 -7.21
C ARG B 150 20.47 -18.56 -5.98
N VAL B 151 19.36 -18.17 -5.52
CA VAL B 151 18.56 -18.92 -4.57
C VAL B 151 17.21 -19.30 -5.17
N LYS B 152 16.61 -20.36 -4.63
CA LYS B 152 15.23 -20.70 -4.96
C LYS B 152 14.38 -20.81 -3.69
N ILE B 153 13.09 -20.53 -3.82
CA ILE B 153 12.11 -20.92 -2.81
C ILE B 153 11.95 -22.42 -2.91
N GLY B 154 12.06 -23.11 -1.77
CA GLY B 154 12.28 -24.55 -1.80
C GLY B 154 11.28 -25.42 -1.07
N ASP B 155 10.19 -24.83 -0.58
CA ASP B 155 9.21 -25.65 0.05
C ASP B 155 7.90 -24.96 -0.12
N PHE B 156 6.86 -25.76 -0.37
CA PHE B 156 5.54 -25.28 -0.71
C PHE B 156 4.45 -25.97 0.09
N GLY B 157 4.86 -26.48 1.26
CA GLY B 157 3.97 -27.14 2.19
C GLY B 157 2.71 -26.46 2.65
N LEU B 158 2.70 -25.13 2.78
CA LEU B 158 1.54 -24.43 3.35
C LEU B 158 0.84 -23.59 2.31
N THR B 159 1.23 -23.79 1.06
CA THR B 159 0.83 -22.91 -0.02
C THR B 159 -0.58 -23.21 -0.43
N LYS B 160 -1.39 -22.13 -0.53
CA LYS B 160 -2.79 -22.24 -0.93
C LYS B 160 -3.04 -21.52 -2.27
N VAL B 161 -4.11 -21.91 -2.98
CA VAL B 161 -4.55 -21.13 -4.10
C VAL B 161 -5.70 -20.27 -3.61
N LEU B 162 -5.64 -18.98 -3.90
CA LEU B 162 -6.75 -18.09 -3.58
C LEU B 162 -8.02 -18.56 -4.28
N PRO B 163 -9.16 -18.57 -3.55
CA PRO B 163 -10.45 -18.79 -4.21
C PRO B 163 -10.66 -17.69 -5.23
N GLN B 164 -11.34 -18.02 -6.32
CA GLN B 164 -11.43 -17.12 -7.47
C GLN B 164 -12.07 -15.78 -7.07
N ASP B 165 -13.03 -15.85 -6.15
CA ASP B 165 -13.90 -14.72 -5.86
C ASP B 165 -13.28 -13.80 -4.82
N LYS B 166 -12.19 -14.25 -4.21
CA LYS B 166 -11.67 -13.64 -3.00
C LYS B 166 -10.18 -13.37 -3.10
N GLU B 167 -9.67 -12.51 -2.22
CA GLU B 167 -8.28 -12.08 -2.28
C GLU B 167 -7.49 -12.53 -1.06
N PTR B 168 -8.19 -13.20 -0.14
CA PTR B 168 -7.53 -13.82 1.00
C PTR B 168 -7.97 -15.27 1.20
O PTR B 168 -8.97 -15.70 0.62
CB PTR B 168 -7.77 -13.01 2.29
CG PTR B 168 -9.23 -12.79 2.60
CD1 PTR B 168 -9.85 -11.58 2.31
CD2 PTR B 168 -9.99 -13.80 3.18
CE1 PTR B 168 -11.18 -11.37 2.61
CE2 PTR B 168 -11.32 -13.60 3.47
CZ PTR B 168 -11.92 -12.38 3.18
OH PTR B 168 -13.11 -12.21 3.45
P PTR B 168 -13.53 -11.24 4.66
O1P PTR B 168 -14.89 -11.60 5.10
O2P PTR B 168 -13.52 -9.77 4.18
O3P PTR B 168 -12.54 -11.40 5.82
N PTR B 169 -7.24 -16.01 2.02
CA PTR B 169 -7.65 -17.33 2.45
C PTR B 169 -7.71 -17.43 3.97
O PTR B 169 -6.73 -17.14 4.66
CB PTR B 169 -6.70 -18.39 1.89
CG PTR B 169 -7.39 -19.71 1.57
CD1 PTR B 169 -7.80 -20.57 2.58
CD2 PTR B 169 -7.61 -20.10 0.25
CE1 PTR B 169 -8.42 -21.77 2.29
CE2 PTR B 169 -8.23 -21.29 -0.05
CZ PTR B 169 -8.63 -22.13 0.98
OH PTR B 169 -9.19 -23.20 0.71
P PTR B 169 -8.73 -24.54 1.48
O1P PTR B 169 -7.38 -24.91 0.99
O2P PTR B 169 -9.73 -25.68 1.15
O3P PTR B 169 -8.69 -24.30 2.99
N LYS B 170 -8.86 -17.84 4.49
CA LYS B 170 -9.01 -18.08 5.92
C LYS B 170 -8.68 -19.54 6.27
N VAL B 171 -7.73 -19.72 7.17
CA VAL B 171 -6.96 -20.95 7.24
C VAL B 171 -6.82 -21.43 8.68
N LYS B 172 -6.37 -22.67 8.85
CA LYS B 172 -6.94 -23.58 9.83
C LYS B 172 -5.94 -24.65 10.25
N GLU B 173 -5.22 -24.38 11.33
CA GLU B 173 -3.99 -25.11 11.62
C GLU B 173 -4.16 -26.03 12.84
N PRO B 174 -3.55 -27.20 12.77
CA PRO B 174 -3.28 -28.00 13.97
C PRO B 174 -1.79 -28.33 14.10
N GLY B 175 -1.10 -27.62 14.98
CA GLY B 175 0.31 -27.86 15.20
C GLY B 175 1.08 -26.58 15.49
N GLU B 176 2.10 -26.32 14.69
CA GLU B 176 2.99 -25.18 14.94
C GLU B 176 2.96 -24.18 13.79
N SER B 177 2.47 -22.98 14.08
CA SER B 177 2.53 -21.90 13.13
C SER B 177 3.78 -21.07 13.41
N PRO B 178 4.40 -20.60 12.33
CA PRO B 178 5.57 -19.73 12.45
C PRO B 178 5.15 -18.28 12.76
N ILE B 179 4.65 -18.05 13.97
CA ILE B 179 3.86 -16.87 14.27
C ILE B 179 4.72 -15.61 14.18
N PHE B 180 6.01 -15.76 14.49
CA PHE B 180 6.93 -14.63 14.47
C PHE B 180 7.28 -14.22 13.05
N TRP B 181 6.69 -14.91 12.08
CA TRP B 181 6.77 -14.49 10.68
C TRP B 181 5.43 -13.96 10.18
N TYR B 182 4.41 -14.02 11.03
CA TYR B 182 3.03 -13.86 10.58
C TYR B 182 2.60 -12.42 10.63
N ALA B 183 1.95 -11.96 9.56
CA ALA B 183 1.20 -10.72 9.60
C ALA B 183 0.18 -10.75 10.75
N PRO B 184 -0.13 -9.57 11.31
CA PRO B 184 -1.14 -9.46 12.36
C PRO B 184 -2.51 -10.04 12.01
N GLU B 185 -3.02 -9.84 10.80
CA GLU B 185 -4.31 -10.46 10.42
C GLU B 185 -4.26 -11.99 10.25
N SER B 186 -3.05 -12.57 10.21
CA SER B 186 -2.89 -14.00 10.15
C SER B 186 -3.07 -14.56 11.52
N LEU B 187 -2.58 -13.79 12.46
CA LEU B 187 -2.55 -14.16 13.85
C LEU B 187 -3.91 -13.99 14.47
N THR B 188 -4.58 -12.88 14.13
CA THR B 188 -5.89 -12.58 14.70
C THR B 188 -6.99 -13.36 14.00
N GLU B 189 -6.89 -13.46 12.68
CA GLU B 189 -8.05 -13.79 11.84
C GLU B 189 -7.78 -15.04 11.01
N SER B 190 -6.60 -15.63 11.19
CA SER B 190 -6.07 -16.59 10.23
C SER B 190 -6.43 -16.19 8.80
N LYS B 191 -5.83 -15.10 8.33
CA LYS B 191 -6.29 -14.45 7.11
C LYS B 191 -5.12 -14.14 6.17
N PHE B 192 -4.98 -14.95 5.12
CA PHE B 192 -3.74 -15.03 4.38
C PHE B 192 -3.91 -14.51 2.95
N SER B 193 -2.97 -13.69 2.49
CA SER B 193 -3.07 -13.06 1.18
C SER B 193 -1.70 -12.98 0.51
N VAL B 194 -1.61 -12.14 -0.51
CA VAL B 194 -0.32 -11.74 -1.04
C VAL B 194 0.28 -10.77 -0.05
N ALA B 195 -0.56 -9.92 0.56
CA ALA B 195 -0.06 -8.90 1.46
C ALA B 195 0.47 -9.46 2.78
N SER B 196 0.06 -10.68 3.17
CA SER B 196 0.70 -11.29 4.36
C SER B 196 1.98 -12.01 3.94
N ASP B 197 2.07 -12.43 2.68
CA ASP B 197 3.35 -12.89 2.15
C ASP B 197 4.37 -11.77 2.13
N VAL B 198 3.95 -10.58 1.72
CA VAL B 198 4.80 -9.36 1.81
C VAL B 198 5.27 -9.14 3.26
N TRP B 199 4.36 -9.20 4.24
CA TRP B 199 4.76 -9.07 5.64
C TRP B 199 5.96 -10.04 5.96
N SER B 200 5.77 -11.33 5.64
CA SER B 200 6.75 -12.39 5.97
C SER B 200 8.04 -12.19 5.17
N PHE B 201 7.92 -11.66 3.94
CA PHE B 201 9.06 -11.22 3.19
C PHE B 201 9.92 -10.15 3.92
N GLY B 202 9.26 -9.18 4.52
CA GLY B 202 9.97 -8.18 5.33
C GLY B 202 10.76 -8.93 6.40
N VAL B 203 10.19 -10.02 6.97
CA VAL B 203 10.92 -10.81 7.99
C VAL B 203 12.12 -11.56 7.44
N VAL B 204 11.96 -12.13 6.23
CA VAL B 204 13.02 -12.78 5.53
C VAL B 204 14.19 -11.78 5.32
N LEU B 205 13.88 -10.59 4.84
CA LEU B 205 14.87 -9.53 4.61
C LEU B 205 15.59 -9.18 5.88
N TYR B 206 14.81 -8.97 6.95
CA TYR B 206 15.36 -8.91 8.29
C TYR B 206 16.35 -10.07 8.58
N GLU B 207 15.94 -11.34 8.46
CA GLU B 207 16.88 -12.49 8.72
C GLU B 207 18.15 -12.36 7.91
N LEU B 208 17.98 -11.97 6.65
CA LEU B 208 19.11 -11.85 5.73
C LEU B 208 20.18 -10.91 6.29
N PHE B 209 19.74 -9.83 6.92
CA PHE B 209 20.65 -8.75 7.30
C PHE B 209 21.04 -8.86 8.78
N THR B 210 20.52 -9.88 9.45
CA THR B 210 21.10 -10.33 10.71
C THR B 210 22.12 -11.43 10.50
N TYR B 211 22.18 -11.95 9.28
CA TYR B 211 23.04 -13.08 8.97
C TYR B 211 22.77 -14.25 9.91
N ILE B 212 21.51 -14.40 10.32
CA ILE B 212 21.10 -15.53 11.14
C ILE B 212 21.99 -15.66 12.38
N GLU B 213 22.47 -14.52 12.88
CA GLU B 213 23.01 -14.44 14.22
C GLU B 213 21.95 -14.93 15.23
N LYS B 214 22.39 -15.71 16.22
CA LYS B 214 21.45 -16.48 17.08
C LYS B 214 20.57 -15.60 17.93
N SER B 215 21.24 -14.69 18.64
CA SER B 215 20.57 -13.74 19.53
C SER B 215 19.59 -12.84 18.79
N LYS B 216 19.70 -12.77 17.46
CA LYS B 216 19.02 -11.73 16.67
C LYS B 216 17.80 -12.21 15.93
N SER B 217 17.53 -13.52 15.99
CA SER B 217 16.37 -14.13 15.36
C SER B 217 15.03 -13.43 15.74
N PRO B 218 14.05 -13.49 14.84
CA PRO B 218 12.72 -12.95 15.13
C PRO B 218 12.12 -13.48 16.44
N PRO B 219 12.12 -14.80 16.60
CA PRO B 219 11.68 -15.43 17.85
C PRO B 219 12.38 -14.82 19.06
N ALA B 220 13.70 -14.70 18.98
CA ALA B 220 14.49 -14.20 20.11
C ALA B 220 14.21 -12.74 20.37
N GLU B 221 14.05 -11.96 19.30
CA GLU B 221 13.93 -10.51 19.41
C GLU B 221 12.54 -10.10 19.87
N PHE B 222 11.53 -10.80 19.37
CA PHE B 222 10.17 -10.63 19.84
C PHE B 222 10.00 -11.12 21.28
N MET B 223 10.54 -12.30 21.56
CA MET B 223 10.53 -12.86 22.90
C MET B 223 11.13 -11.89 23.91
N ARG B 224 12.27 -11.31 23.55
CA ARG B 224 12.89 -10.26 24.37
C ARG B 224 11.96 -9.10 24.61
N MET B 225 11.33 -8.60 23.56
CA MET B 225 10.48 -7.43 23.66
C MET B 225 9.20 -7.68 24.48
N ILE B 226 8.74 -8.92 24.42
CA ILE B 226 7.53 -9.32 25.14
C ILE B 226 7.84 -9.63 26.60
N GLY B 227 9.13 -9.75 26.91
CA GLY B 227 9.56 -10.36 28.16
C GLY B 227 9.65 -11.88 28.06
N ASN B 228 10.72 -12.44 28.63
CA ASN B 228 10.98 -13.87 28.54
C ASN B 228 10.30 -14.64 29.66
N ASP B 229 9.13 -14.16 30.09
CA ASP B 229 8.22 -14.98 30.88
C ASP B 229 6.93 -15.27 30.12
N LYS B 230 6.46 -14.29 29.37
CA LYS B 230 5.42 -14.52 28.37
C LYS B 230 5.23 -16.01 28.10
N GLN B 231 4.46 -16.68 28.95
CA GLN B 231 4.49 -18.13 29.03
C GLN B 231 3.55 -18.75 28.01
N GLY B 232 2.29 -18.35 28.05
CA GLY B 232 1.20 -19.22 27.63
C GLY B 232 1.53 -19.99 26.37
N GLN B 233 1.50 -19.30 25.23
CA GLN B 233 0.28 -19.16 24.44
C GLN B 233 -0.39 -17.81 24.70
N MET B 234 -0.22 -17.30 25.91
CA MET B 234 -0.20 -15.86 26.13
C MET B 234 0.75 -15.17 25.16
N ILE B 235 1.76 -15.89 24.70
CA ILE B 235 2.80 -15.32 23.85
C ILE B 235 2.20 -14.71 22.58
N VAL B 236 1.45 -15.52 21.83
CA VAL B 236 0.78 -15.05 20.63
C VAL B 236 0.02 -13.75 20.90
N PHE B 237 -0.62 -13.68 22.06
CA PHE B 237 -1.52 -12.56 22.37
C PHE B 237 -0.73 -11.33 22.80
N HIS B 238 0.41 -11.56 23.43
CA HIS B 238 1.36 -10.49 23.72
C HIS B 238 2.07 -10.02 22.43
N LEU B 239 2.27 -10.95 21.51
CA LEU B 239 2.70 -10.60 20.15
C LEU B 239 1.70 -9.70 19.42
N ILE B 240 0.45 -10.14 19.38
CA ILE B 240 -0.59 -9.39 18.70
C ILE B 240 -0.57 -7.97 19.22
N GLU B 241 -0.58 -7.81 20.55
CA GLU B 241 -0.62 -6.49 21.16
C GLU B 241 0.55 -5.65 20.79
N LEU B 242 1.72 -6.28 20.75
CA LEU B 242 2.93 -5.58 20.49
C LEU B 242 2.93 -5.09 19.05
N LEU B 243 2.54 -5.95 18.11
CA LEU B 243 2.38 -5.51 16.72
C LEU B 243 1.37 -4.37 16.60
N LYS B 244 0.23 -4.51 17.31
CA LYS B 244 -0.83 -3.49 17.30
C LYS B 244 -0.32 -2.12 17.82
N ASN B 245 0.63 -2.14 18.75
CA ASN B 245 1.26 -0.93 19.31
C ASN B 245 2.48 -0.47 18.49
N ASN B 246 2.61 -1.02 17.28
CA ASN B 246 3.72 -0.75 16.36
C ASN B 246 5.10 -1.11 16.88
N GLY B 247 5.18 -2.27 17.56
CA GLY B 247 6.43 -2.85 18.01
C GLY B 247 6.94 -3.57 16.83
N ARG B 248 8.23 -3.44 16.52
CA ARG B 248 8.78 -4.09 15.33
C ARG B 248 10.10 -4.72 15.62
N LEU B 249 10.49 -5.61 14.72
CA LEU B 249 11.87 -6.06 14.75
C LEU B 249 12.74 -4.81 14.57
N PRO B 250 13.89 -4.76 15.28
CA PRO B 250 14.80 -3.61 15.17
C PRO B 250 15.69 -3.76 13.93
N ARG B 251 16.30 -2.65 13.56
CA ARG B 251 17.24 -2.61 12.45
C ARG B 251 18.46 -3.44 12.74
N PRO B 252 18.67 -4.47 11.93
CA PRO B 252 19.86 -5.31 12.05
C PRO B 252 21.14 -4.49 12.13
N ASP B 253 22.07 -4.91 12.97
CA ASP B 253 23.36 -4.23 13.09
C ASP B 253 23.98 -3.99 11.71
N GLY B 254 24.38 -2.75 11.45
CA GLY B 254 25.02 -2.40 10.21
C GLY B 254 24.06 -2.34 9.05
N CYS B 255 22.78 -2.55 9.33
CA CYS B 255 21.75 -2.54 8.31
C CYS B 255 21.59 -1.15 7.69
N PRO B 256 22.21 -0.94 6.54
CA PRO B 256 21.81 0.13 5.63
C PRO B 256 20.32 0.46 5.76
N ASP B 257 19.97 1.73 5.64
CA ASP B 257 19.01 2.35 6.53
C ASP B 257 17.71 2.69 5.80
N GLU B 258 17.20 1.73 5.03
CA GLU B 258 16.82 1.97 3.65
C GLU B 258 16.53 0.66 2.92
N ILE B 259 17.44 -0.30 3.05
CA ILE B 259 17.07 -1.70 3.28
C ILE B 259 15.97 -1.81 4.34
N TYR B 260 16.13 -1.05 5.42
CA TYR B 260 15.36 -1.28 6.64
C TYR B 260 14.03 -0.54 6.59
N MET B 261 13.96 0.49 5.75
CA MET B 261 12.69 1.14 5.44
C MET B 261 11.82 0.25 4.57
N ILE B 262 12.45 -0.59 3.76
CA ILE B 262 11.75 -1.63 3.03
C ILE B 262 11.09 -2.64 3.98
N MET B 263 11.87 -3.11 4.95
CA MET B 263 11.35 -4.01 5.99
C MET B 263 10.15 -3.40 6.70
N THR B 264 10.23 -2.11 7.07
CA THR B 264 9.17 -1.50 7.81
C THR B 264 7.90 -1.30 6.97
N GLU B 265 8.07 -1.00 5.69
CA GLU B 265 6.93 -0.84 4.78
C GLU B 265 6.18 -2.16 4.60
N CYS B 266 6.92 -3.26 4.66
CA CYS B 266 6.31 -4.59 4.61
C CYS B 266 5.53 -4.87 5.89
N TRP B 267 5.95 -4.25 6.99
CA TRP B 267 5.37 -4.53 8.30
C TRP B 267 4.30 -3.50 8.66
N ASN B 268 3.61 -2.99 7.65
CA ASN B 268 2.45 -2.14 7.88
C ASN B 268 1.26 -2.91 8.43
N ASN B 269 0.73 -2.44 9.55
CA ASN B 269 -0.53 -2.93 10.05
C ASN B 269 -1.64 -2.77 9.04
N ASN B 270 -1.61 -1.72 8.24
CA ASN B 270 -2.59 -1.57 7.20
C ASN B 270 -2.17 -2.43 6.01
N VAL B 271 -2.93 -3.49 5.79
CA VAL B 271 -2.66 -4.45 4.73
C VAL B 271 -2.46 -3.75 3.35
N ASN B 272 -3.38 -2.85 2.99
CA ASN B 272 -3.38 -2.22 1.68
C ASN B 272 -2.24 -1.24 1.51
N GLN B 273 -1.54 -0.91 2.58
CA GLN B 273 -0.30 -0.15 2.43
C GLN B 273 0.96 -0.97 2.25
N ARG B 274 0.90 -2.28 2.28
CA ARG B 274 2.17 -3.00 2.18
C ARG B 274 2.59 -2.96 0.71
N PRO B 275 3.91 -2.92 0.44
CA PRO B 275 4.27 -2.84 -0.99
C PRO B 275 3.87 -4.16 -1.69
N SER B 276 3.69 -4.14 -3.00
CA SER B 276 3.62 -5.39 -3.80
C SER B 276 5.04 -5.92 -4.14
N PHE B 277 5.11 -7.18 -4.53
CA PHE B 277 6.38 -7.82 -4.88
C PHE B 277 7.04 -7.19 -6.07
N ARG B 278 6.22 -6.86 -7.09
CA ARG B 278 6.66 -6.11 -8.27
C ARG B 278 7.40 -4.81 -7.89
N ASP B 279 6.81 -4.04 -7.00
CA ASP B 279 7.42 -2.84 -6.46
C ASP B 279 8.69 -3.10 -5.62
N LEU B 280 8.66 -4.17 -4.82
CA LEU B 280 9.81 -4.53 -4.05
C LEU B 280 10.98 -4.93 -4.94
N ALA B 281 10.70 -5.60 -6.05
CA ALA B 281 11.80 -5.99 -6.96
C ALA B 281 12.43 -4.76 -7.56
N LEU B 282 11.59 -3.87 -8.05
CA LEU B 282 12.04 -2.64 -8.66
C LEU B 282 12.90 -1.82 -7.69
N ARG B 283 12.46 -1.73 -6.43
CA ARG B 283 13.18 -0.96 -5.40
C ARG B 283 14.53 -1.53 -5.08
N VAL B 284 14.57 -2.85 -4.94
CA VAL B 284 15.77 -3.57 -4.54
C VAL B 284 16.78 -3.52 -5.70
N ASP B 285 16.32 -3.75 -6.92
CA ASP B 285 17.19 -3.53 -8.06
C ASP B 285 17.74 -2.12 -8.16
N GLN B 286 16.94 -1.10 -7.87
CA GLN B 286 17.41 0.28 -7.95
C GLN B 286 18.54 0.51 -6.98
N ILE B 287 18.35 0.02 -5.75
CA ILE B 287 19.30 0.16 -4.66
C ILE B 287 20.58 -0.60 -4.98
N ARG B 288 20.45 -1.78 -5.58
CA ARG B 288 21.63 -2.53 -5.99
C ARG B 288 22.43 -1.77 -7.04
N ASP B 289 21.73 -1.09 -7.95
CA ASP B 289 22.41 -0.35 -8.96
C ASP B 289 23.10 0.86 -8.39
N GLN B 290 22.48 1.46 -7.39
CA GLN B 290 23.06 2.61 -6.74
C GLN B 290 24.31 2.17 -5.99
N MET B 291 24.27 0.98 -5.40
CA MET B 291 25.35 0.53 -4.58
C MET B 291 26.59 0.18 -5.37
N ALA B 292 26.35 -0.33 -6.58
CA ALA B 292 27.36 -0.84 -7.52
C ALA B 292 28.06 0.24 -8.28
N GLY B 293 27.36 1.34 -8.53
CA GLY B 293 27.96 2.51 -9.15
C GLY B 293 28.91 3.21 -8.16
C1 MI1 C . -18.48 18.75 2.89
C2 MI1 C . -17.71 19.42 4.04
C4 MI1 C . -16.18 20.51 2.31
C5 MI1 C . -16.84 19.75 1.13
C6 MI1 C . -17.59 18.48 1.62
N3 MI1 C . -17.08 20.61 3.47
O21 MI1 C . -18.09 21.79 5.00
C20 MI1 C . -17.35 21.74 4.03
C22 MI1 C . -16.70 22.92 3.46
C23 MI1 C . -17.17 24.07 3.70
N24 MI1 C . -17.42 25.12 4.12
C7 MI1 C . -16.64 17.30 1.71
N8 MI1 C . -19.02 17.47 3.35
C9 MI1 C . -18.40 16.70 4.46
C10 MI1 C . -20.16 16.99 2.74
C15 MI1 C . -20.78 17.69 1.69
C16 MI1 C . -20.53 18.94 1.00
C11 MI1 C . -21.58 18.98 0.07
N12 MI1 C . -22.39 17.88 0.15
C14 MI1 C . -21.95 17.04 1.10
N17 MI1 C . -22.39 15.87 1.58
C18 MI1 C . -21.76 15.26 2.57
N19 MI1 C . -20.69 15.80 3.13
C1 MI1 D . 14.67 -28.72 2.05
C2 MI1 D . 14.39 -29.00 3.50
C4 MI1 D . 12.43 -27.36 3.33
C5 MI1 D . 12.79 -27.11 1.86
C6 MI1 D . 14.29 -27.26 1.69
N3 MI1 D . 13.00 -28.63 3.77
O21 MI1 D . 12.92 -30.52 4.83
C20 MI1 D . 12.33 -29.50 4.49
C22 MI1 D . 10.93 -29.28 4.85
C23 MI1 D . 10.29 -30.25 5.42
N24 MI1 D . 9.62 -31.25 5.41
C7 MI1 D . 14.93 -26.10 2.47
N8 MI1 D . 16.11 -28.94 1.82
C9 MI1 D . 17.12 -28.81 2.91
C10 MI1 D . 16.60 -29.30 0.58
C15 MI1 D . 15.79 -29.43 -0.57
C16 MI1 D . 14.38 -29.32 -0.81
C11 MI1 D . 14.26 -29.59 -2.17
N12 MI1 D . 15.47 -29.87 -2.74
C14 MI1 D . 16.44 -29.78 -1.83
N17 MI1 D . 17.76 -29.95 -1.86
C18 MI1 D . 18.49 -29.82 -0.74
N19 MI1 D . 17.94 -29.49 0.42
#